data_2D5M
#
_entry.id   2D5M
#
_cell.length_a   53.346
_cell.length_b   53.346
_cell.length_c   116.224
_cell.angle_alpha   90.00
_cell.angle_beta   90.00
_cell.angle_gamma   120.00
#
_symmetry.space_group_name_H-M   'P 31 2 1'
#
loop_
_entity.id
_entity.type
_entity.pdbx_description
1 polymer flavoredoxin
2 non-polymer 'ZINC ION'
3 non-polymer 'FLAVIN MONONUCLEOTIDE'
4 non-polymer '2-(N-MORPHOLINO)-ETHANESULFONIC ACID'
5 water water
#
_entity_poly.entity_id   1
_entity_poly.type   'polypeptide(L)'
_entity_poly.pdbx_seq_one_letter_code
;MKKSLGARTLAYPTPLFLVGTYDRDSRPNIMAAAWAGICCSQPPSIAVSLRKATYTYRSITERGAFTISIPSRAYVRHAD
YAGIYSGENEDKFASLGLTPVPGEHVDAPYVGEFPMAIELKLIHQIEIGLHTQFIGEIMDVKVDESCLRDDGLPDINKVD
PVIFAPVSREYYAVGEFLAKAFSAGKGLRS
;
_entity_poly.pdbx_strand_id   A
#
# COMPACT_ATOMS: atom_id res chain seq x y z
N MET A 1 -32.91 -10.07 -8.55
CA MET A 1 -33.31 -9.12 -7.50
C MET A 1 -32.19 -8.67 -6.55
N LYS A 2 -32.08 -7.39 -6.15
CA LYS A 2 -31.08 -6.96 -5.17
C LYS A 2 -31.58 -6.98 -3.75
N LYS A 3 -30.71 -7.22 -2.80
CA LYS A 3 -30.95 -7.10 -1.37
C LYS A 3 -30.14 -5.93 -0.84
N SER A 4 -30.72 -5.13 0.04
CA SER A 4 -30.03 -4.07 0.74
C SER A 4 -29.24 -4.61 1.93
N LEU A 5 -27.94 -4.33 1.94
CA LEU A 5 -27.06 -4.63 3.05
C LEU A 5 -26.86 -3.46 3.99
N GLY A 6 -27.45 -2.30 3.69
CA GLY A 6 -27.36 -1.14 4.55
C GLY A 6 -26.06 -0.34 4.30
N ALA A 7 -25.78 0.55 5.23
CA ALA A 7 -24.72 1.50 5.09
C ALA A 7 -23.44 0.86 5.61
N ARG A 8 -22.67 0.19 4.77
CA ARG A 8 -21.49 -0.51 5.12
C ARG A 8 -20.34 -0.11 4.24
N THR A 9 -19.10 -0.23 4.76
CA THR A 9 -17.90 0.01 3.99
C THR A 9 -17.61 -1.19 3.09
N LEU A 10 -18.39 -1.31 2.03
CA LEU A 10 -18.40 -2.48 1.19
C LEU A 10 -18.26 -2.06 -0.26
N ALA A 11 -17.13 -2.39 -0.85
CA ALA A 11 -16.81 -2.15 -2.24
C ALA A 11 -15.70 -3.09 -2.64
N TYR A 12 -15.55 -3.37 -3.94
CA TYR A 12 -14.50 -4.24 -4.41
C TYR A 12 -13.94 -3.67 -5.71
N PRO A 13 -12.67 -3.89 -6.01
CA PRO A 13 -11.63 -4.34 -5.07
C PRO A 13 -11.29 -3.21 -4.11
N THR A 14 -10.63 -3.58 -3.01
CA THR A 14 -9.89 -2.62 -2.17
C THR A 14 -8.46 -3.12 -2.09
N PRO A 15 -7.50 -2.24 -1.95
CA PRO A 15 -6.08 -2.66 -1.93
C PRO A 15 -5.67 -3.12 -0.56
N LEU A 16 -4.46 -3.68 -0.53
CA LEU A 16 -3.78 -4.03 0.71
C LEU A 16 -2.39 -3.44 0.62
N PHE A 17 -2.29 -2.15 0.94
CA PHE A 17 -1.02 -1.44 0.91
C PHE A 17 -0.32 -1.56 2.26
N LEU A 18 0.99 -1.84 2.24
CA LEU A 18 1.76 -1.73 3.45
C LEU A 18 2.49 -0.38 3.45
N VAL A 19 2.07 0.51 4.33
CA VAL A 19 2.58 1.87 4.42
C VAL A 19 3.79 1.85 5.32
N GLY A 20 4.95 2.24 4.75
CA GLY A 20 6.24 2.14 5.43
C GLY A 20 6.72 3.50 5.86
N THR A 21 7.28 3.59 7.06
CA THR A 21 7.77 4.82 7.66
C THR A 21 8.96 4.56 8.59
N TYR A 22 9.67 5.64 8.92
CA TYR A 22 10.61 5.65 10.03
C TYR A 22 10.07 6.50 11.17
N ASP A 23 10.19 6.03 12.41
CA ASP A 23 9.86 6.86 13.56
C ASP A 23 11.01 7.79 13.87
N ARG A 24 10.86 8.54 14.96
CA ARG A 24 11.84 9.58 15.31
C ARG A 24 13.22 9.01 15.63
N ASP A 25 13.28 7.76 15.99
CA ASP A 25 14.53 7.06 16.30
C ASP A 25 14.97 6.18 15.13
N SER A 26 14.39 6.39 13.95
CA SER A 26 14.75 5.71 12.71
C SER A 26 14.39 4.25 12.76
N ARG A 27 13.44 3.86 13.64
CA ARG A 27 12.92 2.51 13.63
C ARG A 27 11.96 2.34 12.46
N PRO A 28 12.13 1.34 11.60
CA PRO A 28 11.27 1.15 10.46
C PRO A 28 9.96 0.48 10.85
N ASN A 29 8.89 0.85 10.15
CA ASN A 29 7.56 0.30 10.41
C ASN A 29 6.79 0.10 9.11
N ILE A 30 5.79 -0.77 9.20
CA ILE A 30 4.82 -0.99 8.17
C ILE A 30 3.48 -1.21 8.86
N MET A 31 2.41 -0.67 8.24
CA MET A 31 1.03 -0.95 8.63
C MET A 31 0.23 -1.26 7.39
N ALA A 32 -0.89 -1.97 7.54
CA ALA A 32 -1.78 -2.25 6.43
C ALA A 32 -2.84 -1.15 6.26
N ALA A 33 -3.07 -0.77 5.03
CA ALA A 33 -4.10 0.23 4.70
C ALA A 33 -4.88 -0.24 3.46
N ALA A 34 -6.19 -0.32 3.60
CA ALA A 34 -7.09 -0.56 2.50
C ALA A 34 -7.94 0.64 2.12
N TRP A 35 -8.06 1.65 3.01
CA TRP A 35 -8.85 2.85 2.74
C TRP A 35 -7.91 3.82 2.02
N ALA A 36 -7.68 3.54 0.74
CA ALA A 36 -6.62 4.12 -0.03
C ALA A 36 -6.86 3.93 -1.51
N GLY A 37 -6.20 4.77 -2.32
CA GLY A 37 -6.20 4.59 -3.75
C GLY A 37 -5.52 5.77 -4.39
N ILE A 38 -5.30 5.66 -5.72
CA ILE A 38 -4.75 6.77 -6.48
C ILE A 38 -5.75 7.91 -6.45
N CYS A 39 -5.29 9.13 -6.25
CA CYS A 39 -6.20 10.27 -6.24
C CYS A 39 -5.97 11.24 -7.36
N CYS A 40 -4.79 11.36 -7.90
CA CYS A 40 -4.51 12.37 -8.92
C CYS A 40 -3.46 11.86 -9.88
N SER A 41 -3.54 12.38 -11.11
CA SER A 41 -2.54 12.16 -12.11
C SER A 41 -1.51 13.30 -12.21
N GLN A 42 -1.79 14.47 -11.63
CA GLN A 42 -0.83 15.56 -11.64
C GLN A 42 -0.78 16.25 -10.29
N PRO A 43 0.25 16.08 -9.49
CA PRO A 43 1.29 15.04 -9.64
C PRO A 43 0.66 13.70 -9.42
N PRO A 44 1.32 12.67 -9.86
N PRO A 44 1.22 12.64 -9.98
CA PRO A 44 0.80 11.31 -9.57
CA PRO A 44 0.76 11.29 -9.57
C PRO A 44 0.77 11.17 -8.06
C PRO A 44 0.77 11.18 -8.04
N SER A 45 -0.36 10.79 -7.48
CA SER A 45 -0.56 10.80 -6.04
C SER A 45 -1.45 9.68 -5.57
N ILE A 46 -1.21 9.24 -4.34
CA ILE A 46 -2.05 8.28 -3.64
C ILE A 46 -2.54 8.90 -2.35
N ALA A 47 -3.78 8.69 -2.06
CA ALA A 47 -4.44 9.08 -0.80
C ALA A 47 -4.56 7.85 0.09
N VAL A 48 -4.26 8.04 1.38
CA VAL A 48 -4.38 6.97 2.38
C VAL A 48 -5.05 7.56 3.61
N SER A 49 -6.09 6.92 4.07
CA SER A 49 -6.78 7.35 5.29
C SER A 49 -6.22 6.61 6.47
N LEU A 50 -5.40 7.25 7.29
CA LEU A 50 -4.75 6.65 8.43
C LEU A 50 -5.25 7.31 9.70
N ARG A 51 -5.66 6.48 10.64
CA ARG A 51 -6.16 6.95 11.91
C ARG A 51 -5.07 7.52 12.77
N LYS A 52 -5.49 8.53 13.59
CA LYS A 52 -4.55 9.20 14.50
C LYS A 52 -3.94 8.28 15.52
N ALA A 53 -4.62 7.18 15.88
CA ALA A 53 -4.12 6.24 16.86
C ALA A 53 -2.95 5.43 16.33
N THR A 54 -2.77 5.34 15.01
CA THR A 54 -1.70 4.50 14.49
C THR A 54 -0.33 5.16 14.75
N TYR A 55 0.66 4.32 15.01
CA TYR A 55 2.03 4.87 15.19
C TYR A 55 2.50 5.50 13.86
N THR A 56 2.11 4.88 12.74
CA THR A 56 2.47 5.38 11.43
C THR A 56 2.01 6.80 11.20
N TYR A 57 0.88 7.22 11.64
CA TYR A 57 0.34 8.54 11.56
C TYR A 57 1.37 9.53 12.09
N ARG A 58 1.82 9.25 13.31
CA ARG A 58 2.80 10.12 13.95
C ARG A 58 4.04 10.21 13.07
N SER A 59 4.54 9.09 12.61
CA SER A 59 5.78 9.11 11.81
C SER A 59 5.60 9.91 10.52
N ILE A 60 4.46 9.80 9.86
CA ILE A 60 4.27 10.55 8.63
C ILE A 60 4.21 12.03 8.92
N THR A 61 3.55 12.44 10.00
CA THR A 61 3.49 13.85 10.36
C THR A 61 4.89 14.38 10.65
N GLU A 62 5.78 13.58 11.15
CA GLU A 62 7.13 14.01 11.50
C GLU A 62 8.08 14.03 10.31
N ARG A 63 8.03 13.02 9.45
CA ARG A 63 9.00 12.91 8.38
C ARG A 63 8.52 13.36 7.03
N GLY A 64 7.19 13.46 6.86
CA GLY A 64 6.67 13.93 5.56
C GLY A 64 6.93 12.99 4.41
N ALA A 65 7.04 11.70 4.67
CA ALA A 65 7.41 10.73 3.68
C ALA A 65 6.91 9.36 4.11
N PHE A 66 6.54 8.52 3.13
CA PHE A 66 6.14 7.17 3.41
C PHE A 66 6.30 6.38 2.10
N THR A 67 6.32 5.07 2.23
CA THR A 67 6.29 4.20 1.10
C THR A 67 4.99 3.37 1.12
N ILE A 68 4.66 2.77 -0.02
CA ILE A 68 3.67 1.74 -0.14
C ILE A 68 4.35 0.54 -0.77
N SER A 69 4.30 -0.56 -0.05
CA SER A 69 4.81 -1.83 -0.58
C SER A 69 3.61 -2.74 -0.81
N ILE A 70 3.60 -3.40 -1.97
CA ILE A 70 2.44 -4.22 -2.38
C ILE A 70 2.83 -5.69 -2.19
N PRO A 71 2.14 -6.39 -1.26
CA PRO A 71 2.52 -7.80 -1.01
C PRO A 71 2.02 -8.68 -2.18
N SER A 72 2.75 -9.73 -2.45
CA SER A 72 2.35 -10.87 -3.25
C SER A 72 1.69 -11.87 -2.31
N ARG A 73 1.05 -12.90 -2.88
CA ARG A 73 0.28 -13.78 -2.04
C ARG A 73 1.15 -14.49 -1.01
N ALA A 74 2.44 -14.72 -1.28
CA ALA A 74 3.28 -15.36 -0.26
C ALA A 74 3.39 -14.60 1.04
N TYR A 75 3.10 -13.30 0.99
CA TYR A 75 3.28 -12.42 2.12
C TYR A 75 1.93 -11.95 2.68
N VAL A 76 0.86 -12.63 2.37
CA VAL A 76 -0.44 -12.25 2.88
C VAL A 76 -0.50 -12.32 4.42
N ARG A 77 0.13 -13.34 5.05
CA ARG A 77 0.09 -13.41 6.49
C ARG A 77 0.88 -12.27 7.12
N HIS A 78 1.98 -11.91 6.53
CA HIS A 78 2.87 -10.84 6.98
C HIS A 78 2.14 -9.50 6.94
N ALA A 79 1.45 -9.29 5.82
CA ALA A 79 0.68 -8.08 5.63
C ALA A 79 -0.41 -7.97 6.68
N ASP A 80 -1.10 -9.10 6.91
CA ASP A 80 -2.14 -9.13 7.94
C ASP A 80 -1.57 -8.81 9.32
N TYR A 81 -0.43 -9.39 9.64
CA TYR A 81 0.24 -9.12 10.90
C TYR A 81 0.44 -7.62 11.08
N ALA A 82 0.94 -6.97 10.05
CA ALA A 82 1.23 -5.53 10.09
C ALA A 82 -0.03 -4.71 10.30
N GLY A 83 -1.19 -5.28 9.93
CA GLY A 83 -2.51 -4.68 10.17
C GLY A 83 -3.18 -5.03 11.46
N ILE A 84 -2.58 -5.90 12.27
CA ILE A 84 -3.11 -6.27 13.57
C ILE A 84 -2.33 -5.62 14.70
N TYR A 85 -1.00 -5.62 14.62
CA TYR A 85 -0.11 -5.21 15.68
C TYR A 85 0.48 -3.85 15.39
N SER A 86 0.80 -3.09 16.45
CA SER A 86 1.38 -1.79 16.31
C SER A 86 2.90 -1.79 16.41
N GLY A 87 3.54 -0.88 15.69
CA GLY A 87 4.95 -0.67 15.77
C GLY A 87 5.43 0.29 16.84
N GLU A 88 4.53 0.81 17.66
CA GLU A 88 4.95 1.76 18.69
C GLU A 88 6.08 1.19 19.55
N ASN A 89 5.93 -0.09 19.94
CA ASN A 89 6.92 -0.74 20.80
C ASN A 89 7.34 -2.09 20.24
N GLU A 90 7.35 -2.24 18.92
CA GLU A 90 7.73 -3.47 18.24
C GLU A 90 8.31 -3.14 16.88
N ASP A 91 9.41 -3.77 16.53
CA ASP A 91 9.96 -3.73 15.17
C ASP A 91 9.35 -4.89 14.42
N LYS A 92 8.37 -4.58 13.57
CA LYS A 92 7.67 -5.58 12.81
C LYS A 92 8.53 -6.22 11.74
N PHE A 93 9.53 -5.47 11.22
CA PHE A 93 10.44 -6.09 10.26
C PHE A 93 11.22 -7.22 10.93
N ALA A 94 11.67 -7.00 12.17
CA ALA A 94 12.33 -8.04 12.92
C ALA A 94 11.39 -9.18 13.18
N SER A 95 10.17 -8.89 13.63
CA SER A 95 9.22 -9.96 13.94
C SER A 95 8.89 -10.83 12.72
N LEU A 96 8.76 -10.20 11.56
CA LEU A 96 8.32 -10.87 10.32
C LEU A 96 9.45 -11.42 9.52
N GLY A 97 10.70 -11.09 9.88
CA GLY A 97 11.85 -11.49 9.07
C GLY A 97 11.87 -10.85 7.69
N LEU A 98 11.46 -9.59 7.59
CA LEU A 98 11.47 -8.83 6.36
C LEU A 98 12.51 -7.72 6.41
N THR A 99 12.80 -7.17 5.26
CA THR A 99 13.94 -6.24 5.10
C THR A 99 13.44 -4.83 4.89
N PRO A 100 13.79 -3.89 5.78
CA PRO A 100 13.41 -2.49 5.59
C PRO A 100 14.44 -1.79 4.72
N VAL A 101 14.13 -1.62 3.46
CA VAL A 101 15.05 -1.05 2.51
C VAL A 101 14.86 0.45 2.48
N PRO A 102 15.89 1.27 2.71
CA PRO A 102 15.68 2.72 2.63
C PRO A 102 15.24 3.16 1.24
N GLY A 103 14.25 4.05 1.18
CA GLY A 103 13.90 4.71 -0.05
C GLY A 103 15.08 5.44 -0.65
N GLU A 104 15.08 5.47 -1.98
CA GLU A 104 16.13 6.20 -2.72
C GLU A 104 15.79 7.65 -2.84
N HIS A 105 14.51 8.01 -2.81
CA HIS A 105 14.03 9.33 -3.09
C HIS A 105 13.36 9.99 -1.87
N VAL A 106 12.91 9.20 -0.91
CA VAL A 106 12.12 9.72 0.24
C VAL A 106 12.64 9.05 1.51
N ASP A 107 12.36 9.76 2.59
CA ASP A 107 12.82 9.37 3.94
C ASP A 107 11.90 8.35 4.61
N ALA A 108 11.88 7.13 4.07
CA ALA A 108 11.01 6.03 4.53
C ALA A 108 11.53 4.72 3.98
N PRO A 109 11.33 3.62 4.70
CA PRO A 109 11.70 2.31 4.20
C PRO A 109 10.57 1.65 3.41
N TYR A 110 10.92 0.76 2.50
CA TYR A 110 9.93 -0.13 1.88
C TYR A 110 10.32 -1.58 2.19
N VAL A 111 9.43 -2.51 1.82
CA VAL A 111 9.64 -3.92 2.13
C VAL A 111 10.40 -4.58 0.99
N GLY A 112 11.62 -4.97 1.21
CA GLY A 112 12.46 -5.46 0.10
C GLY A 112 11.94 -6.70 -0.55
N GLU A 113 11.30 -7.58 0.22
CA GLU A 113 10.85 -8.84 -0.29
C GLU A 113 9.65 -8.73 -1.21
N PHE A 114 8.92 -7.60 -1.14
CA PHE A 114 7.69 -7.47 -1.92
C PHE A 114 8.04 -7.11 -3.36
N PRO A 115 7.14 -7.45 -4.28
CA PRO A 115 7.46 -7.28 -5.70
C PRO A 115 7.43 -5.86 -6.19
N MET A 116 6.74 -5.00 -5.49
CA MET A 116 6.50 -3.63 -5.94
C MET A 116 6.49 -2.69 -4.73
N ALA A 117 7.14 -1.54 -4.89
CA ALA A 117 7.23 -0.54 -3.85
C ALA A 117 7.12 0.86 -4.50
N ILE A 118 6.45 1.73 -3.80
CA ILE A 118 6.20 3.10 -4.24
C ILE A 118 6.75 4.05 -3.18
N GLU A 119 7.53 5.03 -3.59
CA GLU A 119 8.08 6.04 -2.70
C GLU A 119 7.27 7.32 -2.79
N LEU A 120 6.80 7.81 -1.66
CA LEU A 120 5.92 8.98 -1.65
C LEU A 120 6.41 10.08 -0.70
N LYS A 121 6.24 11.32 -1.19
CA LYS A 121 6.46 12.55 -0.43
C LYS A 121 5.13 13.08 0.00
N LEU A 122 4.93 13.40 1.30
CA LEU A 122 3.68 13.97 1.75
C LEU A 122 3.47 15.36 1.14
N ILE A 123 2.34 15.57 0.50
CA ILE A 123 2.02 16.87 -0.11
C ILE A 123 0.74 17.48 0.47
N HIS A 124 -0.17 16.72 1.06
CA HIS A 124 -1.33 17.32 1.69
C HIS A 124 -1.72 16.48 2.87
N GLN A 125 -2.23 17.06 3.93
CA GLN A 125 -2.83 16.38 5.08
C GLN A 125 -4.21 16.95 5.19
N ILE A 126 -5.21 16.21 4.83
CA ILE A 126 -6.60 16.69 4.71
C ILE A 126 -7.39 16.26 5.91
N GLU A 127 -8.04 17.23 6.54
CA GLU A 127 -8.81 16.94 7.72
C GLU A 127 -10.02 17.93 7.79
N HIS A 131 -13.26 13.35 8.30
CA HIS A 131 -12.47 12.71 7.21
C HIS A 131 -11.01 13.12 7.34
N THR A 132 -10.09 12.15 7.34
CA THR A 132 -8.64 12.35 7.47
C THR A 132 -7.85 11.59 6.41
N GLN A 133 -7.00 12.25 5.66
CA GLN A 133 -6.27 11.56 4.62
C GLN A 133 -4.92 12.22 4.44
N PHE A 134 -3.93 11.38 4.24
CA PHE A 134 -2.62 11.84 3.79
C PHE A 134 -2.52 11.67 2.27
N ILE A 135 -2.06 12.67 1.59
CA ILE A 135 -1.88 12.63 0.13
C ILE A 135 -0.39 12.61 -0.11
N GLY A 136 0.10 11.53 -0.71
CA GLY A 136 1.49 11.41 -1.09
C GLY A 136 1.68 11.55 -2.58
N GLU A 137 2.69 12.34 -2.94
CA GLU A 137 3.13 12.43 -4.33
C GLU A 137 4.04 11.23 -4.59
N ILE A 138 3.77 10.49 -5.64
CA ILE A 138 4.58 9.38 -6.07
C ILE A 138 5.86 9.89 -6.71
N MET A 139 6.98 9.56 -6.07
CA MET A 139 8.30 9.96 -6.53
C MET A 139 8.95 8.88 -7.36
N ASP A 140 8.62 7.60 -7.11
CA ASP A 140 9.17 6.48 -7.85
C ASP A 140 8.33 5.28 -7.58
N VAL A 141 8.20 4.43 -8.57
CA VAL A 141 7.62 3.10 -8.46
C VAL A 141 8.69 2.08 -8.88
N LYS A 142 9.01 1.16 -7.99
CA LYS A 142 10.02 0.16 -8.17
C LYS A 142 9.39 -1.22 -8.25
N VAL A 143 9.80 -1.98 -9.24
CA VAL A 143 9.20 -3.33 -9.46
C VAL A 143 10.32 -4.30 -9.70
N ASP A 144 10.22 -5.47 -9.13
CA ASP A 144 11.15 -6.57 -9.41
C ASP A 144 11.27 -6.79 -10.93
N GLU A 145 12.50 -6.94 -11.39
CA GLU A 145 12.70 -7.14 -12.82
C GLU A 145 11.94 -8.38 -13.33
N SER A 146 11.83 -9.41 -12.51
CA SER A 146 11.19 -10.64 -12.90
C SER A 146 9.70 -10.45 -13.20
N CYS A 147 9.17 -9.31 -12.72
CA CYS A 147 7.75 -9.01 -12.83
C CYS A 147 7.42 -8.04 -13.97
N LEU A 148 8.38 -7.66 -14.79
CA LEU A 148 8.16 -6.73 -15.85
C LEU A 148 7.97 -7.45 -17.18
N ARG A 149 7.12 -6.82 -18.00
CA ARG A 149 6.96 -7.25 -19.40
C ARG A 149 8.08 -6.66 -20.25
N ASP A 150 8.15 -7.13 -21.49
CA ASP A 150 9.19 -6.58 -22.36
C ASP A 150 9.05 -5.08 -22.56
N ASP A 151 7.86 -4.50 -22.47
CA ASP A 151 7.76 -3.05 -22.66
C ASP A 151 8.12 -2.25 -21.40
N GLY A 152 8.51 -2.94 -20.33
CA GLY A 152 8.94 -2.28 -19.11
C GLY A 152 7.89 -1.97 -18.10
N LEU A 153 6.64 -2.32 -18.40
CA LEU A 153 5.57 -2.19 -17.44
C LEU A 153 5.36 -3.49 -16.68
N PRO A 154 4.74 -3.45 -15.50
CA PRO A 154 4.55 -4.69 -14.77
C PRO A 154 3.51 -5.62 -15.35
N ASP A 155 3.68 -6.90 -15.11
CA ASP A 155 2.73 -7.97 -15.31
C ASP A 155 2.03 -8.19 -13.96
N ILE A 156 0.75 -7.77 -13.89
CA ILE A 156 0.07 -7.87 -12.63
C ILE A 156 -0.02 -9.29 -12.08
N ASN A 157 -0.09 -10.30 -12.92
CA ASN A 157 -0.12 -11.66 -12.40
C ASN A 157 1.23 -12.11 -11.85
N LYS A 158 2.35 -11.55 -12.33
CA LYS A 158 3.64 -11.82 -11.74
C LYS A 158 3.83 -11.07 -10.44
N VAL A 159 3.42 -9.79 -10.41
CA VAL A 159 3.39 -9.06 -9.15
C VAL A 159 2.55 -9.82 -8.11
N ASP A 160 1.39 -10.27 -8.57
CA ASP A 160 0.50 -11.09 -7.79
C ASP A 160 0.02 -10.40 -6.51
N PRO A 161 -0.53 -9.21 -6.65
CA PRO A 161 -0.92 -8.41 -5.46
C PRO A 161 -2.16 -8.96 -4.76
N VAL A 162 -2.29 -8.62 -3.48
CA VAL A 162 -3.42 -9.05 -2.69
C VAL A 162 -4.53 -8.01 -2.77
N ILE A 163 -5.75 -8.50 -2.84
CA ILE A 163 -6.97 -7.77 -2.77
C ILE A 163 -7.65 -7.96 -1.43
N PHE A 164 -8.18 -6.92 -0.80
CA PHE A 164 -8.94 -7.02 0.42
C PHE A 164 -10.44 -6.91 0.14
N ALA A 165 -11.19 -7.86 0.69
CA ALA A 165 -12.65 -7.86 0.67
C ALA A 165 -13.12 -7.37 2.05
N PRO A 166 -13.58 -6.12 2.16
CA PRO A 166 -13.97 -5.62 3.46
C PRO A 166 -15.27 -6.25 3.98
N VAL A 167 -15.44 -6.18 5.28
CA VAL A 167 -16.64 -6.62 6.03
C VAL A 167 -16.61 -8.15 6.18
N SER A 168 -16.56 -8.85 5.05
CA SER A 168 -16.30 -10.28 5.14
C SER A 168 -14.85 -10.55 5.59
N ARG A 169 -13.97 -9.60 5.41
CA ARG A 169 -12.62 -9.63 5.97
C ARG A 169 -11.84 -10.84 5.45
N GLU A 170 -11.58 -10.81 4.13
CA GLU A 170 -10.89 -11.84 3.39
C GLU A 170 -9.92 -11.24 2.42
N TYR A 171 -8.93 -12.03 2.05
CA TYR A 171 -7.94 -11.67 1.04
C TYR A 171 -8.06 -12.59 -0.17
N TYR A 172 -7.92 -12.01 -1.34
CA TYR A 172 -8.03 -12.67 -2.64
C TYR A 172 -6.86 -12.31 -3.53
N ALA A 173 -6.52 -13.19 -4.48
CA ALA A 173 -5.59 -12.94 -5.54
C ALA A 173 -6.27 -12.28 -6.74
N VAL A 174 -5.48 -11.72 -7.59
CA VAL A 174 -5.90 -11.28 -8.93
C VAL A 174 -5.96 -12.50 -9.83
N GLY A 175 -7.02 -12.54 -10.65
CA GLY A 175 -7.24 -13.57 -11.63
C GLY A 175 -6.84 -13.22 -13.01
N GLU A 176 -7.61 -13.69 -13.97
CA GLU A 176 -7.19 -13.63 -15.37
C GLU A 176 -7.48 -12.28 -16.03
N PHE A 177 -6.65 -12.03 -17.05
CA PHE A 177 -6.89 -10.92 -17.95
C PHE A 177 -8.29 -11.03 -18.59
N LEU A 178 -8.97 -9.91 -18.65
CA LEU A 178 -10.24 -9.77 -19.29
C LEU A 178 -10.21 -9.01 -20.61
N ALA A 179 -9.62 -7.85 -20.64
CA ALA A 179 -9.77 -6.95 -21.79
C ALA A 179 -8.82 -5.77 -21.65
N LYS A 180 -8.62 -5.06 -22.76
CA LYS A 180 -7.85 -3.84 -22.82
C LYS A 180 -8.72 -2.61 -22.53
N ALA A 181 -8.23 -1.72 -21.66
CA ALA A 181 -8.90 -0.49 -21.34
C ALA A 181 -8.70 0.55 -22.43
N PHE A 182 -9.66 1.46 -22.52
CA PHE A 182 -9.66 2.47 -23.57
C PHE A 182 -9.59 1.83 -24.93
N SER A 183 -10.32 0.71 -25.07
CA SER A 183 -10.22 -0.16 -26.23
C SER A 183 -11.41 -1.10 -26.35
N ALA A 184 -11.65 -1.87 -25.30
CA ALA A 184 -12.73 -2.85 -25.28
C ALA A 184 -14.07 -2.21 -25.58
N GLY A 185 -14.31 -1.00 -25.09
CA GLY A 185 -15.56 -0.31 -25.27
C GLY A 185 -15.81 0.25 -26.64
N LYS A 186 -14.72 0.45 -27.43
CA LYS A 186 -14.93 0.84 -28.82
C LYS A 186 -15.67 -0.23 -29.65
#